data_4CE2
#
_entry.id   4CE2
#
_cell.length_a   74.320
_cell.length_b   74.320
_cell.length_c   110.460
_cell.angle_alpha   90.00
_cell.angle_beta   90.00
_cell.angle_gamma   90.00
#
_symmetry.space_group_name_H-M   'P 43 2 2'
#
loop_
_entity.id
_entity.type
_entity.pdbx_description
1 polymer 'ATP-DEPENDENT MOLECULAR CHAPERONE HSP82'
2 non-polymer (9E)-19-CHLORANYL-13-METHYL-16,18-BIS(OXIDANYL)-13-AZABICYCLO[13.4.0]NONADECA-1(15),9,16,18-TETRAENE-3,14-DIONE
3 water water
#
_entity_poly.entity_id   1
_entity_poly.type   'polypeptide(L)'
_entity_poly.pdbx_seq_one_letter_code
;MASETFEFQAEITQLMSLIINTVYSNKEIFLRELISNASDALDKIRYKSLSDPKQLETEPDLFIRITPKPEQKVLEIRDS
GIGMTKAELINNLGTIAKSGTKAFMEALSAGADVSMIGQFGVGFYSLFLVADRVQVISKSNDDEQYIWESNAGGSFTVTL
DEVNERIGRGTILRLFLKDDQLEYLEEKRIKEVIKRHSEFVAYPIQLVVTKEVE
;
_entity_poly.pdbx_strand_id   A
#
loop_
_chem_comp.id
_chem_comp.type
_chem_comp.name
_chem_comp.formula
BO5 non-polymer (9E)-19-CHLORANYL-13-METHYL-16,18-BIS(OXIDANYL)-13-AZABICYCLO[13.4.0]NONADECA-1(15),9,16,18-TETRAENE-3,14-DIONE 'C19 H24 Cl N O4'
#
# COMPACT_ATOMS: atom_id res chain seq x y z
N MET A 1 -8.81 -7.62 -19.66
CA MET A 1 -9.27 -6.60 -20.66
C MET A 1 -8.27 -5.37 -20.91
N ALA A 2 -8.82 -4.22 -21.32
CA ALA A 2 -8.01 -2.99 -21.48
C ALA A 2 -8.04 -2.19 -20.17
N SER A 3 -7.19 -1.18 -20.05
CA SER A 3 -7.16 -0.36 -18.86
CA SER A 3 -7.12 -0.33 -18.88
C SER A 3 -8.20 0.73 -18.96
N GLU A 4 -8.60 1.29 -17.84
CA GLU A 4 -9.43 2.47 -17.79
C GLU A 4 -8.62 3.49 -17.04
N THR A 5 -8.64 4.73 -17.53
CA THR A 5 -7.89 5.81 -16.94
C THR A 5 -8.85 6.75 -16.21
N PHE A 6 -8.46 7.15 -15.00
CA PHE A 6 -9.23 8.03 -14.17
C PHE A 6 -8.35 9.23 -13.72
N GLU A 7 -8.98 10.37 -13.47
CA GLU A 7 -8.28 11.57 -12.98
C GLU A 7 -8.28 11.60 -11.45
N PHE A 8 -7.15 12.00 -10.91
CA PHE A 8 -7.04 12.19 -9.46
C PHE A 8 -7.82 13.43 -9.08
N GLN A 9 -8.55 13.40 -7.98
CA GLN A 9 -8.96 14.66 -7.36
C GLN A 9 -7.67 15.55 -7.21
N ALA A 10 -7.86 16.86 -7.25
CA ALA A 10 -6.75 17.79 -7.49
C ALA A 10 -5.76 17.86 -6.33
N GLU A 11 -6.30 17.96 -5.11
CA GLU A 11 -5.50 17.97 -3.89
C GLU A 11 -4.55 16.73 -3.73
N ILE A 12 -4.97 15.56 -4.23
CA ILE A 12 -4.20 14.33 -4.10
C ILE A 12 -2.98 14.35 -5.01
N THR A 13 -3.15 14.87 -6.21
CA THR A 13 -2.00 14.99 -7.13
C THR A 13 -0.96 15.94 -6.56
N GLN A 14 -1.47 16.99 -5.93
CA GLN A 14 -0.65 17.99 -5.31
C GLN A 14 0.08 17.38 -4.12
N LEU A 15 -0.64 16.72 -3.21
CA LEU A 15 -0.01 15.96 -2.13
C LEU A 15 1.05 14.95 -2.60
N MET A 16 0.76 14.16 -3.64
CA MET A 16 1.72 13.14 -4.14
C MET A 16 2.94 13.77 -4.76
N SER A 17 2.74 14.92 -5.35
CA SER A 17 3.80 15.60 -6.07
C SER A 17 4.80 16.19 -5.07
N LEU A 18 4.25 16.69 -3.98
CA LEU A 18 5.01 17.10 -2.85
C LEU A 18 5.90 15.93 -2.33
N ILE A 19 5.26 14.88 -1.85
CA ILE A 19 5.94 13.74 -1.29
C ILE A 19 6.97 13.13 -2.23
N ILE A 20 6.68 12.95 -3.52
CA ILE A 20 7.63 12.22 -4.35
C ILE A 20 8.85 13.08 -4.57
N ASN A 21 8.72 14.37 -4.27
CA ASN A 21 9.78 15.34 -4.55
C ASN A 21 10.58 15.80 -3.37
N THR A 22 10.13 15.73 -2.09
CA THR A 22 10.94 16.32 -1.05
C THR A 22 11.99 15.34 -0.50
N VAL A 23 13.17 15.96 -0.33
CA VAL A 23 14.36 15.45 0.37
C VAL A 23 14.24 15.27 1.88
N TYR A 24 13.04 15.05 2.39
CA TYR A 24 12.91 14.72 3.75
C TYR A 24 13.78 13.49 4.08
N SER A 25 14.18 13.34 5.31
CA SER A 25 15.24 12.40 5.64
C SER A 25 14.71 11.01 6.03
N ASN A 26 13.73 10.99 6.95
CA ASN A 26 13.15 9.76 7.55
C ASN A 26 12.15 8.97 6.64
N LYS A 27 12.61 8.55 5.46
CA LYS A 27 11.74 7.95 4.45
C LYS A 27 11.14 6.57 4.91
N GLU A 28 11.89 5.82 5.73
CA GLU A 28 11.48 4.51 6.25
C GLU A 28 10.10 4.50 6.89
N ILE A 29 9.48 5.66 7.08
CA ILE A 29 8.19 5.65 7.76
C ILE A 29 7.10 5.10 6.85
N PHE A 30 7.37 5.00 5.58
CA PHE A 30 6.37 4.47 4.67
C PHE A 30 5.98 3.05 5.06
N LEU A 31 6.93 2.29 5.56
CA LEU A 31 6.62 0.89 5.93
C LEU A 31 5.64 0.79 7.06
N ARG A 32 5.85 1.61 8.05
CA ARG A 32 4.89 1.67 9.16
C ARG A 32 3.47 1.93 8.70
N GLU A 33 3.28 2.94 7.84
CA GLU A 33 1.97 3.29 7.25
C GLU A 33 1.33 2.15 6.48
N LEU A 34 2.14 1.43 5.69
CA LEU A 34 1.61 0.32 4.88
C LEU A 34 1.27 -0.90 5.74
N ILE A 35 2.00 -1.14 6.80
CA ILE A 35 1.72 -2.27 7.69
C ILE A 35 0.49 -1.96 8.51
N SER A 36 0.38 -0.70 8.83
CA SER A 36 -0.79 -0.22 9.59
C SER A 36 -2.07 -0.29 8.77
N ASN A 37 -2.04 0.16 7.53
CA ASN A 37 -3.15 -0.09 6.60
C ASN A 37 -3.47 -1.54 6.40
N ALA A 38 -2.44 -2.36 6.37
CA ALA A 38 -2.66 -3.81 6.23
C ALA A 38 -3.40 -4.31 7.44
N SER A 39 -2.89 -3.94 8.62
CA SER A 39 -3.52 -4.36 9.88
C SER A 39 -4.95 -3.84 9.94
N ASP A 40 -5.19 -2.59 9.54
CA ASP A 40 -6.58 -2.12 9.40
C ASP A 40 -7.45 -3.00 8.50
N ALA A 41 -6.95 -3.44 7.34
CA ALA A 41 -7.77 -4.28 6.47
C ALA A 41 -7.99 -5.64 6.99
N LEU A 42 -7.06 -6.15 7.79
CA LEU A 42 -7.31 -7.45 8.39
C LEU A 42 -8.35 -7.34 9.54
N ASP A 43 -8.23 -6.32 10.40
CA ASP A 43 -9.27 -5.98 11.40
C ASP A 43 -10.64 -5.96 10.73
N LYS A 44 -10.75 -5.30 9.59
CA LYS A 44 -12.07 -5.24 8.91
C LYS A 44 -12.60 -6.60 8.51
N ILE A 45 -11.79 -7.49 7.94
CA ILE A 45 -12.33 -8.79 7.51
C ILE A 45 -12.64 -9.67 8.73
N ARG A 46 -11.93 -9.43 9.81
CA ARG A 46 -12.12 -10.24 10.98
C ARG A 46 -13.41 -9.82 11.66
N TYR A 47 -13.60 -8.52 11.86
CA TYR A 47 -14.88 -7.99 12.37
C TYR A 47 -16.08 -8.40 11.52
N LYS A 48 -15.99 -8.25 10.19
CA LYS A 48 -16.97 -8.74 9.22
C LYS A 48 -17.33 -10.18 9.47
N SER A 49 -16.31 -10.97 9.77
CA SER A 49 -16.53 -12.42 9.79
C SER A 49 -17.26 -12.87 11.08
N LEU A 50 -17.31 -11.99 12.09
CA LEU A 50 -18.06 -12.25 13.32
C LEU A 50 -19.47 -12.63 12.94
N SER A 51 -20.17 -11.80 12.19
CA SER A 51 -21.55 -12.10 11.82
C SER A 51 -21.74 -12.84 10.51
N ASP A 52 -20.64 -13.21 9.85
CA ASP A 52 -20.68 -13.75 8.52
C ASP A 52 -19.44 -14.66 8.33
N PRO A 53 -19.48 -15.86 8.92
CA PRO A 53 -18.26 -16.66 8.92
C PRO A 53 -17.70 -17.09 7.55
N LYS A 54 -18.50 -17.24 6.50
CA LYS A 54 -17.97 -17.69 5.20
C LYS A 54 -16.98 -16.68 4.50
N GLN A 55 -16.97 -15.42 4.94
CA GLN A 55 -16.09 -14.42 4.38
C GLN A 55 -14.60 -14.78 4.49
N LEU A 56 -14.21 -15.45 5.57
CA LEU A 56 -12.84 -15.93 5.71
C LEU A 56 -12.46 -17.08 4.78
N GLU A 57 -13.44 -17.83 4.28
CA GLU A 57 -13.15 -19.12 3.63
C GLU A 57 -12.31 -19.01 2.38
N THR A 58 -12.35 -17.86 1.73
CA THR A 58 -11.54 -17.61 0.53
C THR A 58 -10.02 -17.51 0.77
N GLU A 59 -9.65 -17.23 2.02
CA GLU A 59 -8.28 -17.18 2.45
C GLU A 59 -8.31 -17.20 3.99
N PRO A 60 -8.29 -18.40 4.56
CA PRO A 60 -8.47 -18.50 6.00
C PRO A 60 -7.34 -17.89 6.81
N ASP A 61 -6.14 -17.79 6.25
CA ASP A 61 -5.01 -17.33 7.04
C ASP A 61 -4.93 -15.81 7.04
N LEU A 62 -4.77 -15.26 8.25
CA LEU A 62 -4.66 -13.83 8.45
C LEU A 62 -3.21 -13.47 8.72
N PHE A 63 -2.64 -12.72 7.79
CA PHE A 63 -1.19 -12.41 7.78
C PHE A 63 -0.89 -11.15 6.99
N ILE A 64 0.29 -10.57 7.25
CA ILE A 64 0.92 -9.55 6.44
C ILE A 64 2.23 -10.16 5.97
N ARG A 65 2.60 -9.95 4.70
CA ARG A 65 3.81 -10.58 4.11
C ARG A 65 4.56 -9.63 3.19
N ILE A 66 5.86 -9.49 3.42
CA ILE A 66 6.73 -8.58 2.68
C ILE A 66 7.70 -9.41 1.83
N THR A 67 7.79 -9.11 0.53
CA THR A 67 8.51 -9.89 -0.45
C THR A 67 9.38 -8.93 -1.28
N PRO A 68 10.69 -8.86 -0.97
CA PRO A 68 11.62 -8.09 -1.83
C PRO A 68 11.85 -8.87 -3.05
N LYS A 69 11.78 -8.20 -4.21
CA LYS A 69 12.11 -8.74 -5.50
C LYS A 69 13.26 -7.89 -6.09
N PRO A 70 14.51 -8.14 -5.63
CA PRO A 70 15.68 -7.27 -5.94
C PRO A 70 15.96 -7.09 -7.42
N GLU A 71 15.72 -8.11 -8.21
CA GLU A 71 15.96 -8.13 -9.66
C GLU A 71 15.10 -7.13 -10.41
N GLN A 72 13.87 -6.92 -9.90
CA GLN A 72 12.93 -6.00 -10.48
C GLN A 72 12.90 -4.68 -9.74
N LYS A 73 13.68 -4.58 -8.67
CA LYS A 73 13.74 -3.39 -7.81
C LYS A 73 12.36 -3.08 -7.25
N VAL A 74 11.65 -4.15 -6.89
CA VAL A 74 10.28 -4.07 -6.44
C VAL A 74 10.24 -4.54 -5.01
N LEU A 75 9.33 -3.96 -4.18
CA LEU A 75 9.01 -4.47 -2.86
C LEU A 75 7.50 -4.71 -2.73
N GLU A 76 7.06 -5.91 -2.30
CA GLU A 76 5.63 -6.15 -2.16
C GLU A 76 5.21 -6.28 -0.71
N ILE A 77 4.12 -5.60 -0.35
CA ILE A 77 3.51 -5.75 0.95
C ILE A 77 2.13 -6.26 0.66
N ARG A 78 1.92 -7.52 1.03
CA ARG A 78 0.64 -8.18 0.94
C ARG A 78 -0.06 -8.41 2.27
N ASP A 79 -1.42 -8.28 2.27
CA ASP A 79 -2.24 -8.77 3.36
C ASP A 79 -3.43 -9.59 2.90
N SER A 80 -3.98 -10.37 3.81
CA SER A 80 -5.18 -11.15 3.53
C SER A 80 -6.42 -10.47 4.16
N GLY A 81 -6.43 -9.15 4.11
CA GLY A 81 -7.53 -8.35 4.56
C GLY A 81 -8.72 -8.41 3.65
N ILE A 82 -9.57 -7.42 3.85
CA ILE A 82 -10.90 -7.36 3.28
C ILE A 82 -10.82 -7.11 1.78
N GLY A 83 -9.76 -6.43 1.34
CA GLY A 83 -9.59 -6.18 -0.09
C GLY A 83 -10.52 -5.06 -0.60
N MET A 84 -10.39 -4.71 -1.87
CA MET A 84 -11.15 -3.64 -2.47
C MET A 84 -11.67 -4.07 -3.82
N THR A 85 -12.89 -3.67 -4.09
CA THR A 85 -13.52 -3.85 -5.38
C THR A 85 -13.01 -2.78 -6.29
N LYS A 86 -13.33 -2.93 -7.55
CA LYS A 86 -12.98 -1.97 -8.52
C LYS A 86 -13.44 -0.56 -8.10
N ALA A 87 -14.73 -0.50 -7.73
CA ALA A 87 -15.37 0.78 -7.40
C ALA A 87 -14.66 1.35 -6.17
N GLU A 88 -14.38 0.51 -5.16
CA GLU A 88 -13.54 0.95 -4.01
C GLU A 88 -12.15 1.42 -4.37
N LEU A 89 -11.48 0.75 -5.31
CA LEU A 89 -10.12 1.18 -5.61
C LEU A 89 -10.22 2.56 -6.20
N ILE A 90 -11.19 2.74 -7.06
CA ILE A 90 -11.40 4.02 -7.74
C ILE A 90 -11.75 5.14 -6.77
N ASN A 91 -12.63 4.87 -5.81
CA ASN A 91 -13.07 5.93 -4.92
C ASN A 91 -12.04 6.23 -3.85
N ASN A 92 -11.59 5.17 -3.17
CA ASN A 92 -10.74 5.29 -2.02
C ASN A 92 -9.31 5.71 -2.28
N LEU A 93 -8.81 5.39 -3.45
CA LEU A 93 -7.43 5.75 -3.79
C LEU A 93 -7.32 6.92 -4.73
N GLY A 94 -8.39 7.48 -5.24
CA GLY A 94 -8.16 8.51 -6.25
C GLY A 94 -9.14 9.63 -6.38
N THR A 95 -10.33 9.30 -6.85
CA THR A 95 -11.28 10.30 -7.35
C THR A 95 -11.96 11.10 -6.22
N ILE A 96 -12.04 10.49 -5.04
CA ILE A 96 -12.69 11.17 -3.96
C ILE A 96 -11.68 11.82 -2.99
N ALA A 97 -11.76 13.16 -3.01
CA ALA A 97 -11.31 14.13 -1.97
C ALA A 97 -11.05 13.46 -0.63
N LYS A 98 -9.78 13.20 -0.30
CA LYS A 98 -9.57 12.58 1.00
C LYS A 98 -9.78 13.65 2.08
N SER A 99 -10.25 13.17 3.22
CA SER A 99 -10.50 14.01 4.36
C SER A 99 -9.13 14.09 5.09
N GLY A 100 -8.45 15.23 4.93
CA GLY A 100 -7.10 15.38 5.49
C GLY A 100 -5.98 15.64 4.50
N THR A 101 -6.20 15.40 3.20
CA THR A 101 -5.17 15.68 2.20
C THR A 101 -4.65 17.14 2.30
N LYS A 102 -5.60 18.07 2.16
CA LYS A 102 -5.31 19.49 2.10
C LYS A 102 -4.87 19.94 3.50
N ALA A 103 -5.56 19.45 4.55
CA ALA A 103 -5.12 19.75 5.92
C ALA A 103 -3.68 19.30 6.17
N PHE A 104 -3.34 18.08 5.72
CA PHE A 104 -1.97 17.58 5.90
C PHE A 104 -0.92 18.50 5.25
N MET A 105 -1.22 18.93 4.03
CA MET A 105 -0.32 19.82 3.31
C MET A 105 -0.10 21.15 4.04
N GLU A 106 -1.15 21.71 4.60
CA GLU A 106 -1.11 22.93 5.37
C GLU A 106 -0.30 22.70 6.62
N ALA A 107 -0.50 21.57 7.30
CA ALA A 107 0.35 21.26 8.45
C ALA A 107 1.86 21.14 8.13
N LEU A 108 2.14 20.62 6.94
CA LEU A 108 3.51 20.42 6.44
C LEU A 108 4.15 21.73 6.12
N SER A 109 3.43 22.59 5.44
CA SER A 109 3.89 23.94 5.23
C SER A 109 4.38 24.63 6.51
N ALA A 110 3.67 24.40 7.60
CA ALA A 110 3.94 25.03 8.89
C ALA A 110 4.98 24.32 9.72
N GLY A 111 5.54 23.21 9.25
CA GLY A 111 6.69 22.61 9.92
C GLY A 111 6.47 21.19 10.28
N ALA A 112 5.27 20.66 9.99
CA ALA A 112 4.94 19.34 10.55
C ALA A 112 5.88 18.33 10.01
N ASP A 113 6.07 17.30 10.83
CA ASP A 113 6.89 16.20 10.43
C ASP A 113 6.08 15.30 9.47
N VAL A 114 6.70 14.88 8.36
CA VAL A 114 6.01 14.00 7.42
C VAL A 114 5.44 12.76 8.09
N SER A 115 5.99 12.35 9.22
CA SER A 115 5.47 11.15 9.91
C SER A 115 4.09 11.32 10.48
N MET A 116 3.55 12.55 10.48
CA MET A 116 2.19 12.75 10.98
C MET A 116 1.13 12.28 9.98
N ILE A 117 1.61 12.01 8.75
CA ILE A 117 0.74 11.75 7.61
C ILE A 117 -0.41 10.83 7.93
N GLY A 118 -0.13 9.79 8.70
CA GLY A 118 -1.11 8.73 8.96
C GLY A 118 -2.19 9.15 9.89
N GLN A 119 -1.94 10.19 10.70
CA GLN A 119 -2.99 10.78 11.54
C GLN A 119 -3.93 11.69 10.79
N PHE A 120 -3.54 12.09 9.59
CA PHE A 120 -4.44 12.78 8.66
C PHE A 120 -5.20 11.78 7.71
N GLY A 121 -4.97 10.50 7.90
CA GLY A 121 -5.66 9.46 7.16
C GLY A 121 -5.21 9.28 5.72
N VAL A 122 -4.04 9.82 5.35
CA VAL A 122 -3.51 9.70 4.02
C VAL A 122 -2.16 9.04 3.95
N GLY A 123 -1.93 8.17 4.93
CA GLY A 123 -0.67 7.41 4.98
C GLY A 123 -0.27 6.57 3.76
N PHE A 124 -1.27 6.06 3.07
CA PHE A 124 -1.01 5.32 1.87
C PHE A 124 -0.04 6.05 0.96
N TYR A 125 -0.20 7.37 0.81
CA TYR A 125 0.65 8.20 -0.11
C TYR A 125 2.14 8.39 0.27
N SER A 126 2.50 8.12 1.54
CA SER A 126 3.93 8.00 1.96
C SER A 126 4.77 7.12 1.13
N LEU A 127 4.16 6.25 0.33
CA LEU A 127 4.90 5.23 -0.39
C LEU A 127 5.71 5.89 -1.46
N PHE A 128 5.30 7.09 -1.87
CA PHE A 128 6.03 7.84 -2.89
C PHE A 128 7.32 8.52 -2.35
N LEU A 129 7.54 8.47 -1.02
CA LEU A 129 8.88 8.71 -0.46
C LEU A 129 9.95 7.80 -1.03
N VAL A 130 9.62 6.52 -1.25
CA VAL A 130 10.61 5.53 -1.71
C VAL A 130 10.33 4.85 -3.04
N ALA A 131 9.10 5.00 -3.56
CA ALA A 131 8.72 4.45 -4.88
C ALA A 131 8.36 5.58 -5.86
N ASP A 132 8.77 5.44 -7.11
CA ASP A 132 8.29 6.41 -8.08
C ASP A 132 7.10 5.85 -8.85
N ARG A 133 6.63 4.66 -8.46
CA ARG A 133 5.52 3.98 -9.12
C ARG A 133 4.95 2.88 -8.22
N VAL A 134 3.64 2.65 -8.30
CA VAL A 134 2.94 1.64 -7.48
C VAL A 134 1.80 0.93 -8.24
N GLN A 135 1.63 -0.36 -7.96
CA GLN A 135 0.45 -1.09 -8.34
C GLN A 135 -0.19 -1.61 -7.09
N VAL A 136 -1.48 -1.30 -6.91
CA VAL A 136 -2.25 -1.90 -5.87
C VAL A 136 -3.04 -3.01 -6.56
N ILE A 137 -2.79 -4.26 -6.16
CA ILE A 137 -3.52 -5.39 -6.71
C ILE A 137 -4.44 -5.90 -5.61
N SER A 138 -5.73 -6.07 -5.89
CA SER A 138 -6.67 -6.31 -4.81
C SER A 138 -7.81 -7.20 -5.21
N LYS A 139 -8.11 -8.15 -4.34
CA LYS A 139 -9.21 -9.07 -4.46
C LYS A 139 -10.16 -9.03 -3.22
N SER A 140 -11.35 -8.47 -3.45
CA SER A 140 -12.45 -8.50 -2.48
C SER A 140 -13.33 -9.72 -2.73
N ASN A 141 -13.96 -10.23 -1.69
CA ASN A 141 -14.95 -11.32 -1.88
C ASN A 141 -16.08 -10.89 -2.83
N ASP A 142 -16.34 -9.60 -2.93
CA ASP A 142 -17.43 -9.09 -3.77
C ASP A 142 -17.06 -8.67 -5.20
N ASP A 143 -15.84 -8.92 -5.66
CA ASP A 143 -15.45 -8.56 -7.01
C ASP A 143 -14.31 -9.42 -7.50
N GLU A 144 -14.02 -9.33 -8.79
CA GLU A 144 -12.81 -9.91 -9.39
C GLU A 144 -11.57 -9.13 -8.89
N GLN A 145 -10.39 -9.54 -9.38
CA GLN A 145 -9.11 -9.01 -9.01
C GLN A 145 -8.74 -7.95 -10.00
N TYR A 146 -8.28 -6.82 -9.49
CA TYR A 146 -7.96 -5.64 -10.27
C TYR A 146 -6.62 -4.98 -9.87
N ILE A 147 -6.06 -4.24 -10.81
CA ILE A 147 -4.81 -3.59 -10.66
C ILE A 147 -5.07 -2.13 -10.80
N TRP A 148 -4.71 -1.40 -9.76
CA TRP A 148 -4.73 0.04 -9.75
C TRP A 148 -3.28 0.44 -9.87
N GLU A 149 -2.99 1.36 -10.78
CA GLU A 149 -1.61 1.79 -10.98
C GLU A 149 -1.51 3.32 -11.10
N SER A 150 -0.39 3.81 -10.55
CA SER A 150 -0.03 5.21 -10.54
C SER A 150 1.42 5.46 -10.40
N ASN A 151 1.85 6.54 -11.06
CA ASN A 151 3.24 7.07 -11.03
C ASN A 151 3.30 8.50 -10.47
N ALA A 152 2.33 8.85 -9.61
CA ALA A 152 2.22 10.18 -8.98
C ALA A 152 1.73 11.30 -9.94
N GLY A 153 1.51 10.98 -11.21
CA GLY A 153 1.01 11.91 -12.19
C GLY A 153 -0.42 12.25 -11.82
N GLY A 154 -1.07 13.06 -12.65
CA GLY A 154 -2.47 13.44 -12.45
C GLY A 154 -3.55 12.38 -12.69
N SER A 155 -3.21 11.27 -13.35
CA SER A 155 -4.20 10.22 -13.57
C SER A 155 -3.69 8.82 -13.19
N PHE A 156 -4.60 7.91 -12.90
CA PHE A 156 -4.26 6.53 -12.59
C PHE A 156 -5.03 5.59 -13.49
N THR A 157 -4.58 4.37 -13.63
CA THR A 157 -5.32 3.39 -14.40
C THR A 157 -5.83 2.25 -13.50
N VAL A 158 -6.88 1.58 -13.95
CA VAL A 158 -7.50 0.46 -13.26
C VAL A 158 -7.83 -0.61 -14.28
N THR A 159 -7.33 -1.83 -14.04
CA THR A 159 -7.34 -2.88 -15.06
C THR A 159 -7.70 -4.19 -14.44
N LEU A 160 -8.60 -4.95 -15.04
CA LEU A 160 -8.93 -6.34 -14.59
C LEU A 160 -7.62 -7.19 -14.70
N ASP A 161 -7.40 -8.08 -13.74
CA ASP A 161 -6.07 -8.66 -13.53
C ASP A 161 -6.06 -10.03 -14.17
N GLU A 162 -5.37 -10.13 -15.29
CA GLU A 162 -5.14 -11.38 -15.89
C GLU A 162 -3.66 -11.68 -15.99
N VAL A 163 -2.85 -10.92 -15.24
CA VAL A 163 -1.43 -11.13 -15.25
C VAL A 163 -0.74 -11.50 -13.95
N ASN A 164 -1.40 -11.40 -12.79
CA ASN A 164 -0.72 -11.65 -11.53
C ASN A 164 -1.26 -12.90 -10.85
N GLU A 165 -0.53 -13.44 -9.87
CA GLU A 165 -1.06 -14.57 -9.13
C GLU A 165 -2.36 -14.15 -8.49
N ARG A 166 -3.26 -15.13 -8.40
CA ARG A 166 -4.49 -15.00 -7.63
C ARG A 166 -4.15 -14.81 -6.15
N ILE A 167 -4.62 -13.69 -5.62
CA ILE A 167 -4.77 -13.52 -4.21
C ILE A 167 -6.13 -14.27 -4.03
N GLY A 168 -6.27 -15.04 -2.99
CA GLY A 168 -7.58 -15.55 -2.59
C GLY A 168 -8.41 -14.39 -2.11
N ARG A 169 -7.84 -13.53 -1.26
CA ARG A 169 -8.52 -12.33 -0.77
C ARG A 169 -7.46 -11.41 -0.18
N GLY A 170 -7.65 -10.09 -0.33
CA GLY A 170 -6.72 -9.12 0.18
C GLY A 170 -6.07 -8.22 -0.85
N THR A 171 -4.88 -7.71 -0.53
CA THR A 171 -4.26 -6.70 -1.34
C THR A 171 -2.76 -6.87 -1.34
N ILE A 172 -2.15 -6.56 -2.47
CA ILE A 172 -0.71 -6.46 -2.56
C ILE A 172 -0.39 -5.03 -2.94
N LEU A 173 0.49 -4.38 -2.16
CA LEU A 173 1.12 -3.17 -2.67
C LEU A 173 2.41 -3.56 -3.35
N ARG A 174 2.48 -3.33 -4.66
CA ARG A 174 3.73 -3.54 -5.42
C ARG A 174 4.43 -2.22 -5.62
N LEU A 175 5.55 -2.00 -4.94
CA LEU A 175 6.29 -0.70 -5.00
C LEU A 175 7.45 -0.81 -5.92
N PHE A 176 7.59 0.13 -6.87
CA PHE A 176 8.72 0.11 -7.80
C PHE A 176 9.69 1.18 -7.26
N LEU A 177 10.67 0.71 -6.52
CA LEU A 177 11.50 1.60 -5.73
C LEU A 177 12.40 2.42 -6.65
N LYS A 178 12.76 3.59 -6.14
CA LYS A 178 13.75 4.47 -6.73
C LYS A 178 15.13 3.89 -6.55
N ASP A 179 16.08 4.24 -7.44
CA ASP A 179 17.47 3.75 -7.35
C ASP A 179 18.22 4.16 -6.10
N ASP A 180 17.89 5.30 -5.55
CA ASP A 180 18.56 5.67 -4.31
C ASP A 180 17.92 5.00 -3.11
N GLN A 181 16.91 4.14 -3.28
CA GLN A 181 16.24 3.55 -2.11
C GLN A 181 16.21 2.00 -2.11
N LEU A 182 17.14 1.39 -2.81
CA LEU A 182 17.17 -0.06 -2.95
C LEU A 182 17.56 -0.77 -1.65
N GLU A 183 17.90 -0.01 -0.62
CA GLU A 183 18.25 -0.60 0.64
C GLU A 183 17.08 -1.38 1.23
N TYR A 184 15.86 -0.89 0.97
CA TYR A 184 14.63 -1.52 1.48
C TYR A 184 14.32 -2.89 0.82
N LEU A 185 15.13 -3.27 -0.16
CA LEU A 185 15.18 -4.64 -0.58
C LEU A 185 15.93 -5.59 0.36
N GLU A 186 16.53 -5.09 1.44
CA GLU A 186 17.40 -5.95 2.26
C GLU A 186 16.79 -6.39 3.56
N GLU A 187 17.04 -7.65 3.83
CA GLU A 187 16.45 -8.30 4.93
C GLU A 187 16.71 -7.59 6.21
N LYS A 188 17.97 -7.28 6.51
CA LYS A 188 18.29 -6.70 7.84
C LYS A 188 17.57 -5.37 8.03
N ARG A 189 17.71 -4.53 7.02
CA ARG A 189 17.01 -3.23 6.95
C ARG A 189 15.46 -3.30 7.24
N ILE A 190 14.76 -4.11 6.46
CA ILE A 190 13.31 -4.37 6.67
C ILE A 190 13.00 -4.76 8.10
N LYS A 191 13.78 -5.70 8.67
CA LYS A 191 13.55 -6.16 10.04
C LYS A 191 13.72 -5.04 11.05
N GLU A 192 14.76 -4.29 10.82
CA GLU A 192 15.10 -3.18 11.70
C GLU A 192 13.95 -2.14 11.69
N VAL A 193 13.43 -1.80 10.49
CA VAL A 193 12.31 -0.82 10.38
C VAL A 193 11.04 -1.32 11.05
N ILE A 194 10.74 -2.59 10.85
CA ILE A 194 9.61 -3.23 11.50
C ILE A 194 9.77 -3.25 13.02
N LYS A 195 10.96 -3.54 13.51
CA LYS A 195 11.17 -3.62 14.99
C LYS A 195 10.98 -2.23 15.64
N ARG A 196 11.56 -1.22 15.00
CA ARG A 196 11.42 0.17 15.46
C ARG A 196 10.01 0.73 15.39
N HIS A 197 9.15 0.39 14.39
CA HIS A 197 7.80 1.07 14.32
C HIS A 197 6.52 0.24 14.29
N SER A 198 6.60 -1.07 14.13
CA SER A 198 5.38 -1.87 14.19
C SER A 198 5.51 -2.98 15.20
N GLU A 199 5.78 -2.62 16.46
CA GLU A 199 5.86 -3.60 17.58
C GLU A 199 4.51 -4.15 17.95
N PHE A 200 3.50 -3.31 17.94
CA PHE A 200 2.23 -3.76 18.44
C PHE A 200 1.37 -3.95 17.20
N VAL A 201 1.39 -5.18 16.69
CA VAL A 201 0.67 -5.58 15.50
C VAL A 201 0.17 -6.97 15.77
N ALA A 202 -1.14 -7.10 15.71
CA ALA A 202 -1.81 -8.33 16.08
C ALA A 202 -1.62 -9.49 15.14
N TYR A 203 -1.12 -9.22 13.91
CA TYR A 203 -1.01 -10.30 12.93
C TYR A 203 0.42 -10.66 12.67
N PRO A 204 0.65 -11.94 12.28
CA PRO A 204 2.02 -12.26 11.96
C PRO A 204 2.42 -11.45 10.75
N ILE A 205 3.61 -10.86 10.86
CA ILE A 205 4.36 -10.27 9.76
C ILE A 205 5.49 -11.18 9.23
N GLN A 206 5.25 -11.72 8.03
CA GLN A 206 6.14 -12.67 7.39
C GLN A 206 7.09 -12.02 6.41
N LEU A 207 8.32 -12.50 6.34
CA LEU A 207 9.28 -11.93 5.40
C LEU A 207 9.78 -13.04 4.49
N VAL A 208 9.65 -12.85 3.19
CA VAL A 208 9.98 -13.90 2.24
C VAL A 208 11.37 -13.62 1.78
N VAL A 209 12.31 -14.50 2.09
CA VAL A 209 13.69 -14.37 1.67
C VAL A 209 14.17 -15.49 0.71
N THR A 210 14.91 -15.05 -0.31
CA THR A 210 15.50 -15.92 -1.28
C THR A 210 16.99 -16.17 -1.03
N LYS A 211 17.36 -17.40 -0.87
CA LYS A 211 18.74 -17.70 -0.59
C LYS A 211 19.26 -18.81 -1.51
N GLU A 212 20.40 -18.54 -2.12
CA GLU A 212 21.15 -19.52 -2.91
C GLU A 212 21.58 -20.67 -2.01
N VAL A 213 21.43 -21.90 -2.48
CA VAL A 213 21.81 -23.04 -1.69
C VAL A 213 23.33 -23.31 -1.80
N GLU A 214 23.97 -23.49 -0.64
CA GLU A 214 25.30 -24.12 -0.49
C GLU A 214 26.32 -23.56 -1.45
O3 BO5 B . -7.56 -3.25 1.37
C18 BO5 B . -7.17 -2.37 2.12
N BO5 B . -7.96 -1.82 3.06
C BO5 B . -7.45 -0.87 4.06
C17 BO5 B . -5.72 -1.96 1.99
C16 BO5 B . -4.74 -2.93 2.35
O2 BO5 B . -5.10 -4.19 2.72
C15 BO5 B . -3.39 -2.61 2.35
C14 BO5 B . -2.97 -1.33 2.00
O1 BO5 B . -1.67 -0.95 2.04
C13 BO5 B . -3.91 -0.41 1.63
CL BO5 B . -3.32 1.16 1.23
C12 BO5 B . -5.28 -0.66 1.61
C11 BO5 B . -6.18 0.46 1.15
C10 BO5 B . -6.09 1.70 2.03
O BO5 B . -5.74 1.61 3.18
C9 BO5 B . -6.42 3.02 1.40
C8 BO5 B . -7.46 3.85 2.14
C7 BO5 B . -8.86 3.28 2.02
C6 BO5 B . -9.63 3.20 3.34
C5 BO5 B . -10.98 2.51 3.22
C4 BO5 B . -10.78 1.18 2.57
C3 BO5 B . -10.50 0.07 3.17
C2 BO5 B . -10.27 -1.22 2.48
C1 BO5 B . -9.36 -2.22 3.20
#